data_2O0J
#
_entry.id   2O0J
#
_cell.length_a   61.1
_cell.length_b   62.1
_cell.length_c   126.6
_cell.angle_alpha   90.0
_cell.angle_beta   90.0
_cell.angle_gamma   90.0
#
_symmetry.space_group_name_H-M   'P 21 21 21'
#
loop_
_entity.id
_entity.type
_entity.pdbx_description
1 polymer 'DNA packaging protein Gp17'
2 non-polymer "ADENOSINE-5'-DIPHOSPHATE"
3 water water
#
_entity_poly.entity_id   1
_entity_poly.type   'polypeptide(L)'
_entity_poly.pdbx_seq_one_letter_code
;MGSSHHHHHHSSGLVPRGSHMLEDPMEQPINVLNDFHPLNEAGKILIKHPSLAERKDEDGIHWIKSQWDGKWYPEKFSDY
LRLHKIVKIPNNSDKPELFQTYKDKNNKRSRYMGLPNLKRANIKTQWTREMVEEWKKCRDDIVYFAETYCAITHIDYGVI
KVQLRDYQRDMLKIMSSKRMTVCNLSRQLGKTTVVAIFLAHFVCFNKDKAVGILAHKGSMSAEVLDRTKQAIELLPDFLQ
PGIVEWNKGSIELDNGSSIGAYASSPDAVRGNSFAMIYIEDCAFIPNFHDSWLAIQPVISSGRRSKIIITTTPNGLNHFY
DIWTAAVEGKSGFEPYTAIWNSVKERLYNDEDIFDDGWQWSIQTINGSSLAQFRQEHTAAFEGTS
;
_entity_poly.pdbx_strand_id   A
#
# COMPACT_ATOMS: atom_id res chain seq x y z
N MET A 26 17.66 -39.09 31.54
CA MET A 26 17.12 -38.62 30.23
C MET A 26 16.42 -37.28 30.38
N GLU A 27 16.93 -36.27 29.68
CA GLU A 27 16.32 -34.94 29.71
C GLU A 27 15.19 -34.97 28.69
N GLN A 28 14.73 -33.81 28.24
CA GLN A 28 13.65 -33.74 27.27
C GLN A 28 13.90 -34.81 26.19
N PRO A 29 12.83 -35.39 25.65
CA PRO A 29 12.89 -36.43 24.62
C PRO A 29 13.95 -36.31 23.51
N ILE A 30 14.17 -37.43 22.84
CA ILE A 30 15.14 -37.56 21.75
C ILE A 30 15.01 -36.54 20.61
N ASN A 31 13.92 -36.59 19.86
CA ASN A 31 13.76 -35.66 18.73
C ASN A 31 13.00 -34.36 18.99
N VAL A 32 13.33 -33.67 20.07
CA VAL A 32 12.68 -32.41 20.38
C VAL A 32 13.66 -31.25 20.21
N LEU A 33 13.30 -30.26 19.39
CA LEU A 33 14.18 -29.12 19.16
C LEU A 33 14.51 -28.41 20.47
N ASN A 34 15.74 -27.90 20.56
CA ASN A 34 16.18 -27.22 21.77
C ASN A 34 16.01 -25.70 21.69
N ASP A 35 15.42 -25.21 20.62
CA ASP A 35 15.21 -23.77 20.46
C ASP A 35 13.75 -23.42 20.73
N PHE A 36 13.51 -22.45 21.61
CA PHE A 36 12.15 -22.04 21.93
C PHE A 36 11.88 -20.59 21.56
N HIS A 37 10.59 -20.27 21.35
CA HIS A 37 10.18 -18.93 20.94
C HIS A 37 9.03 -18.42 21.83
N PRO A 38 9.11 -17.15 22.25
CA PRO A 38 8.10 -16.50 23.12
C PRO A 38 6.69 -16.57 22.54
N LEU A 39 6.58 -16.52 21.22
CA LEU A 39 5.30 -16.55 20.55
C LEU A 39 4.61 -17.92 20.76
N ASN A 40 5.39 -18.97 20.98
CA ASN A 40 4.86 -20.29 21.23
C ASN A 40 4.82 -20.38 22.76
N GLU A 41 4.09 -19.48 23.40
CA GLU A 41 4.04 -19.45 24.86
C GLU A 41 3.10 -20.46 25.52
N ALA A 42 2.46 -21.30 24.71
CA ALA A 42 1.55 -22.29 25.27
C ALA A 42 1.03 -23.27 24.22
N GLY A 43 1.34 -24.56 24.42
CA GLY A 43 0.92 -25.64 23.53
C GLY A 43 0.67 -25.38 22.05
N LYS A 44 0.47 -24.12 21.71
CA LYS A 44 0.18 -23.68 20.36
C LYS A 44 1.45 -23.22 19.65
N ILE A 45 1.82 -23.91 18.57
CA ILE A 45 3.02 -23.54 17.80
C ILE A 45 2.62 -22.53 16.72
N LEU A 46 2.86 -21.25 17.00
CA LEU A 46 2.53 -20.20 16.05
C LEU A 46 3.66 -19.97 15.04
N ILE A 47 4.89 -20.31 15.43
CA ILE A 47 6.01 -20.16 14.52
C ILE A 47 6.92 -21.39 14.59
N LYS A 48 7.05 -22.04 13.44
CA LYS A 48 7.87 -23.25 13.33
C LYS A 48 9.35 -22.91 13.14
N HIS A 49 10.21 -23.70 13.78
CA HIS A 49 11.64 -23.48 13.67
C HIS A 49 12.05 -23.67 12.20
N PRO A 50 12.94 -22.80 11.69
CA PRO A 50 13.38 -22.92 10.30
C PRO A 50 14.07 -24.22 9.91
N SER A 51 14.65 -24.92 10.88
CA SER A 51 15.34 -26.19 10.61
C SER A 51 14.38 -27.31 10.20
N LEU A 52 13.08 -27.09 10.38
CA LEU A 52 12.09 -28.09 10.03
C LEU A 52 11.54 -27.87 8.63
N ALA A 53 11.90 -26.76 8.00
CA ALA A 53 11.39 -26.44 6.67
C ALA A 53 12.03 -27.23 5.52
N GLU A 54 11.32 -27.27 4.39
CA GLU A 54 11.81 -27.97 3.21
C GLU A 54 12.93 -27.12 2.63
N ARG A 55 13.88 -27.77 1.97
CA ARG A 55 15.01 -27.09 1.37
C ARG A 55 15.31 -27.67 0.01
N LYS A 56 15.99 -26.91 -0.85
CA LYS A 56 16.34 -27.42 -2.18
C LYS A 56 17.40 -26.58 -2.85
N ASP A 57 18.05 -27.15 -3.86
CA ASP A 57 19.06 -26.44 -4.62
C ASP A 57 18.48 -26.21 -6.00
N GLU A 58 18.65 -25.00 -6.52
CA GLU A 58 18.13 -24.65 -7.84
C GLU A 58 18.74 -23.33 -8.27
N ASP A 59 18.97 -23.17 -9.56
CA ASP A 59 19.56 -21.94 -10.07
C ASP A 59 20.90 -21.59 -9.43
N GLY A 60 21.64 -22.62 -9.01
CA GLY A 60 22.95 -22.38 -8.41
C GLY A 60 23.00 -21.89 -6.97
N ILE A 61 21.88 -21.93 -6.25
CA ILE A 61 21.86 -21.51 -4.86
C ILE A 61 20.92 -22.38 -4.04
N HIS A 62 21.02 -22.27 -2.72
CA HIS A 62 20.18 -23.05 -1.80
C HIS A 62 18.92 -22.26 -1.45
N TRP A 63 17.78 -22.96 -1.39
CA TRP A 63 16.49 -22.32 -1.07
C TRP A 63 15.81 -22.97 0.12
N ILE A 64 14.99 -22.19 0.81
CA ILE A 64 14.24 -22.66 1.96
C ILE A 64 12.79 -22.21 1.80
N LYS A 65 11.86 -23.10 2.14
CA LYS A 65 10.43 -22.79 2.02
C LYS A 65 9.90 -22.09 3.27
N SER A 66 9.23 -20.96 3.06
CA SER A 66 8.65 -20.20 4.17
C SER A 66 7.32 -20.78 4.60
N GLN A 67 7.08 -20.80 5.89
CA GLN A 67 5.84 -21.32 6.47
C GLN A 67 4.73 -20.29 6.30
N TRP A 68 5.09 -19.04 6.01
CA TRP A 68 4.09 -17.98 5.91
C TRP A 68 3.30 -17.92 4.61
N ASP A 69 3.96 -18.23 3.50
CA ASP A 69 3.29 -18.18 2.20
C ASP A 69 3.56 -19.39 1.32
N GLY A 70 4.34 -20.33 1.83
CA GLY A 70 4.65 -21.53 1.06
C GLY A 70 5.58 -21.28 -0.12
N LYS A 71 6.21 -20.10 -0.14
CA LYS A 71 7.13 -19.75 -1.22
C LYS A 71 8.59 -20.02 -0.86
N TRP A 72 9.43 -20.16 -1.89
CA TRP A 72 10.86 -20.43 -1.72
C TRP A 72 11.70 -19.17 -1.63
N TYR A 73 12.60 -19.11 -0.66
CA TYR A 73 13.47 -17.96 -0.48
C TYR A 73 14.93 -18.39 -0.43
N PRO A 74 15.83 -17.56 -0.97
CA PRO A 74 17.26 -17.90 -0.96
C PRO A 74 17.75 -17.98 0.49
N GLU A 75 18.67 -18.90 0.76
CA GLU A 75 19.20 -19.05 2.11
C GLU A 75 19.99 -17.80 2.49
N LYS A 76 20.70 -17.22 1.52
CA LYS A 76 21.51 -16.04 1.75
C LYS A 76 20.81 -14.75 1.39
N PHE A 77 20.87 -13.78 2.30
CA PHE A 77 20.24 -12.50 2.05
C PHE A 77 20.86 -11.87 0.82
N SER A 78 22.16 -12.09 0.59
CA SER A 78 22.81 -11.50 -0.58
C SER A 78 22.13 -11.93 -1.87
N ASP A 79 21.70 -13.19 -1.95
CA ASP A 79 21.02 -13.67 -3.14
C ASP A 79 19.61 -13.08 -3.20
N TYR A 80 18.97 -12.93 -2.05
CA TYR A 80 17.63 -12.34 -2.03
C TYR A 80 17.70 -10.94 -2.65
N LEU A 81 18.72 -10.17 -2.26
CA LEU A 81 18.88 -8.82 -2.79
C LEU A 81 19.27 -8.87 -4.27
N ARG A 82 20.19 -9.77 -4.58
CA ARG A 82 20.70 -9.96 -5.93
C ARG A 82 19.59 -10.23 -6.94
N LEU A 83 18.59 -11.02 -6.54
CA LEU A 83 17.50 -11.37 -7.44
C LEU A 83 16.46 -10.28 -7.69
N HIS A 84 16.58 -9.14 -7.01
CA HIS A 84 15.65 -8.05 -7.21
C HIS A 84 16.17 -7.08 -8.28
N LYS A 85 15.28 -6.66 -9.16
CA LYS A 85 15.66 -5.76 -10.24
C LYS A 85 15.73 -4.31 -9.77
N ILE A 86 16.82 -3.65 -10.12
CA ILE A 86 17.02 -2.26 -9.74
C ILE A 86 17.03 -1.46 -11.03
N VAL A 87 15.91 -0.83 -11.32
CA VAL A 87 15.76 -0.03 -12.52
C VAL A 87 15.38 1.39 -12.16
N LYS A 88 16.20 2.35 -12.58
CA LYS A 88 15.92 3.75 -12.29
C LYS A 88 14.85 4.27 -13.22
N ILE A 89 14.16 5.32 -12.80
CA ILE A 89 13.14 5.94 -13.64
C ILE A 89 13.93 6.83 -14.58
N PRO A 90 14.09 6.39 -15.83
CA PRO A 90 14.84 7.15 -16.84
C PRO A 90 14.35 8.57 -17.01
N ASN A 91 15.28 9.51 -17.10
CA ASN A 91 14.93 10.90 -17.29
C ASN A 91 15.04 11.19 -18.78
N ASN A 92 13.91 11.39 -19.43
CA ASN A 92 13.88 11.66 -20.85
C ASN A 92 13.02 12.86 -21.21
N SER A 93 13.67 13.95 -21.58
CA SER A 93 12.97 15.17 -21.95
C SER A 93 13.39 15.63 -23.35
N ASP A 94 13.96 14.70 -24.12
CA ASP A 94 14.41 15.03 -25.46
C ASP A 94 13.81 14.14 -26.55
N LYS A 95 13.37 12.93 -26.19
CA LYS A 95 12.79 12.02 -27.17
C LYS A 95 11.35 11.59 -26.89
N PRO A 96 10.40 12.27 -27.54
CA PRO A 96 8.94 12.08 -27.47
C PRO A 96 8.57 10.67 -27.93
N GLU A 97 9.24 10.23 -28.99
CA GLU A 97 9.04 8.91 -29.55
C GLU A 97 9.07 7.89 -28.41
N LEU A 98 9.87 8.19 -27.39
CA LEU A 98 9.96 7.33 -26.22
C LEU A 98 9.02 7.94 -25.20
N PHE A 99 7.73 7.94 -25.57
CA PHE A 99 6.67 8.52 -24.75
C PHE A 99 6.51 7.92 -23.35
N GLN A 100 6.96 6.68 -23.16
CA GLN A 100 6.82 6.01 -21.86
C GLN A 100 7.66 6.64 -20.76
N THR A 101 8.73 7.32 -21.15
CA THR A 101 9.61 7.95 -20.17
C THR A 101 9.72 9.44 -20.43
N TYR A 102 9.09 9.89 -21.51
CA TYR A 102 9.14 11.30 -21.90
C TYR A 102 8.32 12.28 -21.09
N LYS A 103 8.94 13.41 -20.78
CA LYS A 103 8.34 14.51 -20.04
C LYS A 103 8.98 15.75 -20.61
N ASP A 104 8.18 16.64 -21.19
CA ASP A 104 8.68 17.86 -21.80
C ASP A 104 8.85 18.99 -20.80
N LYS A 105 9.89 18.90 -19.98
CA LYS A 105 10.16 19.93 -18.97
C LYS A 105 11.18 20.99 -19.35
N ASN A 106 11.71 20.94 -20.56
CA ASN A 106 12.65 21.96 -21.00
C ASN A 106 11.80 23.07 -21.63
N ASN A 107 10.67 22.65 -22.19
CA ASN A 107 9.71 23.55 -22.81
C ASN A 107 8.70 23.95 -21.73
N LYS A 108 9.05 24.93 -20.90
CA LYS A 108 8.17 25.35 -19.84
C LYS A 108 6.81 25.87 -20.28
N ARG A 109 6.56 25.87 -21.58
CA ARG A 109 5.28 26.34 -22.07
C ARG A 109 4.19 25.31 -21.77
N SER A 110 4.57 24.05 -21.77
CA SER A 110 3.66 22.94 -21.50
C SER A 110 3.63 22.64 -20.01
N ARG A 111 4.38 23.41 -19.23
CA ARG A 111 4.45 23.20 -17.79
C ARG A 111 3.38 23.97 -17.01
N TYR A 112 3.16 23.53 -15.78
CA TYR A 112 2.19 24.16 -14.87
C TYR A 112 2.96 25.05 -13.89
N MET A 113 2.78 26.36 -14.01
CA MET A 113 3.47 27.31 -13.13
C MET A 113 4.98 27.17 -13.23
N GLY A 114 5.48 27.01 -14.46
CA GLY A 114 6.92 26.89 -14.64
C GLY A 114 7.52 25.66 -13.99
N LEU A 115 6.67 24.81 -13.43
CA LEU A 115 7.13 23.59 -12.79
C LEU A 115 7.49 22.53 -13.83
N PRO A 116 8.75 22.10 -13.83
CA PRO A 116 9.24 21.09 -14.77
C PRO A 116 8.57 19.71 -14.71
N ASN A 117 8.20 19.27 -13.51
CA ASN A 117 7.57 17.97 -13.33
C ASN A 117 6.07 17.91 -13.61
N LEU A 118 5.41 19.07 -13.55
CA LEU A 118 3.97 19.13 -13.77
C LEU A 118 3.55 19.56 -15.17
N LYS A 119 2.53 18.88 -15.68
CA LYS A 119 1.98 19.14 -16.99
C LYS A 119 0.88 20.19 -16.86
N ARG A 120 0.75 21.01 -17.90
CA ARG A 120 -0.24 22.09 -17.96
C ARG A 120 -1.59 21.58 -18.45
N ALA A 121 -2.66 22.19 -17.96
CA ALA A 121 -4.02 21.77 -18.32
C ALA A 121 -4.49 22.11 -19.73
N ASN A 122 -5.55 21.41 -20.13
CA ASN A 122 -6.19 21.54 -21.44
C ASN A 122 -5.25 21.80 -22.62
N ILE A 123 -4.09 21.15 -22.65
CA ILE A 123 -3.13 21.32 -23.74
C ILE A 123 -3.44 20.33 -24.85
N LYS A 124 -3.65 20.82 -26.07
CA LYS A 124 -3.96 19.97 -27.20
C LYS A 124 -2.80 19.10 -27.63
N THR A 125 -2.98 17.80 -27.54
CA THR A 125 -1.93 16.86 -27.90
C THR A 125 -2.41 15.75 -28.83
N GLN A 126 -1.53 15.37 -29.76
CA GLN A 126 -1.81 14.34 -30.74
C GLN A 126 -1.09 13.06 -30.35
N TRP A 127 -1.84 11.97 -30.29
CA TRP A 127 -1.30 10.67 -29.91
C TRP A 127 -1.21 9.67 -31.05
N THR A 128 -0.40 8.64 -30.83
CA THR A 128 -0.22 7.57 -31.79
C THR A 128 -1.05 6.39 -31.28
N ARG A 129 -1.20 5.36 -32.11
CA ARG A 129 -1.99 4.20 -31.72
C ARG A 129 -1.37 3.47 -30.53
N GLU A 130 -0.04 3.34 -30.53
CA GLU A 130 0.67 2.66 -29.46
C GLU A 130 0.48 3.38 -28.12
N MET A 131 0.39 4.70 -28.16
CA MET A 131 0.22 5.50 -26.95
C MET A 131 -1.15 5.30 -26.32
N VAL A 132 -2.18 5.16 -27.16
CA VAL A 132 -3.53 4.94 -26.67
C VAL A 132 -3.60 3.58 -25.97
N GLU A 133 -2.99 2.58 -26.60
CA GLU A 133 -2.99 1.23 -26.03
C GLU A 133 -2.24 1.15 -24.71
N GLU A 134 -1.09 1.82 -24.64
CA GLU A 134 -0.31 1.80 -23.40
C GLU A 134 -1.09 2.49 -22.29
N TRP A 135 -1.80 3.56 -22.62
CA TRP A 135 -2.60 4.30 -21.63
C TRP A 135 -3.74 3.42 -21.12
N LYS A 136 -4.36 2.67 -22.02
CA LYS A 136 -5.46 1.79 -21.64
C LYS A 136 -4.97 0.63 -20.79
N LYS A 137 -3.78 0.13 -21.11
CA LYS A 137 -3.18 -0.97 -20.38
C LYS A 137 -2.98 -0.55 -18.92
N CYS A 138 -2.55 0.69 -18.72
CA CYS A 138 -2.34 1.20 -17.36
C CYS A 138 -3.68 1.35 -16.64
N ARG A 139 -4.66 1.90 -17.35
CA ARG A 139 -6.01 2.08 -16.82
C ARG A 139 -6.60 0.75 -16.33
N ASP A 140 -6.36 -0.32 -17.07
CA ASP A 140 -6.92 -1.63 -16.73
C ASP A 140 -6.04 -2.63 -15.96
N ASP A 141 -4.77 -2.28 -15.75
CA ASP A 141 -3.84 -3.15 -15.02
C ASP A 141 -3.08 -2.31 -14.00
N ILE A 142 -3.66 -2.13 -12.82
CA ILE A 142 -3.04 -1.31 -11.79
C ILE A 142 -1.66 -1.77 -11.36
N VAL A 143 -1.44 -3.08 -11.28
CA VAL A 143 -0.12 -3.59 -10.88
C VAL A 143 0.93 -3.24 -11.94
N TYR A 144 0.58 -3.36 -13.20
CA TYR A 144 1.52 -3.03 -14.27
C TYR A 144 1.87 -1.55 -14.19
N PHE A 145 0.85 -0.72 -13.96
CA PHE A 145 1.05 0.71 -13.84
C PHE A 145 2.02 1.03 -12.69
N ALA A 146 1.81 0.38 -11.55
CA ALA A 146 2.67 0.64 -10.40
C ALA A 146 4.14 0.30 -10.63
N GLU A 147 4.41 -0.91 -11.12
CA GLU A 147 5.78 -1.35 -11.32
C GLU A 147 6.48 -0.84 -12.56
N THR A 148 5.78 -0.08 -13.39
CA THR A 148 6.38 0.45 -14.60
C THR A 148 6.56 1.96 -14.51
N TYR A 149 5.62 2.64 -13.85
CA TYR A 149 5.69 4.08 -13.74
C TYR A 149 5.72 4.69 -12.34
N CYS A 150 5.80 3.85 -11.31
CA CYS A 150 5.86 4.36 -9.94
C CYS A 150 7.17 3.98 -9.29
N ALA A 151 7.60 4.76 -8.31
CA ALA A 151 8.88 4.49 -7.67
C ALA A 151 8.96 4.64 -6.14
N ILE A 152 10.14 4.33 -5.63
CA ILE A 152 10.47 4.45 -4.21
C ILE A 152 11.94 4.85 -4.19
N THR A 153 12.37 5.50 -3.11
CA THR A 153 13.75 5.95 -3.01
C THR A 153 14.65 4.94 -2.29
N HIS A 154 15.59 4.38 -3.04
CA HIS A 154 16.53 3.41 -2.48
C HIS A 154 17.59 4.18 -1.70
N ILE A 155 18.16 3.55 -0.68
CA ILE A 155 19.16 4.19 0.16
C ILE A 155 20.39 4.68 -0.61
N ASP A 156 20.95 3.80 -1.44
CA ASP A 156 22.15 4.13 -2.20
C ASP A 156 21.91 4.20 -3.70
N TYR A 157 20.99 3.37 -4.19
CA TYR A 157 20.68 3.36 -5.62
C TYR A 157 19.89 4.60 -6.04
N GLY A 158 19.10 5.15 -5.13
CA GLY A 158 18.30 6.33 -5.44
C GLY A 158 16.85 6.05 -5.79
N VAL A 159 16.27 6.92 -6.60
CA VAL A 159 14.88 6.77 -7.03
C VAL A 159 14.71 5.73 -8.14
N ILE A 160 14.23 4.55 -7.77
CA ILE A 160 14.04 3.45 -8.71
C ILE A 160 12.59 2.97 -8.82
N LYS A 161 12.29 2.22 -9.87
CA LYS A 161 10.95 1.68 -10.06
C LYS A 161 10.64 0.76 -8.89
N VAL A 162 9.42 0.84 -8.38
CA VAL A 162 9.07 0.00 -7.23
C VAL A 162 8.72 -1.43 -7.64
N GLN A 163 9.23 -2.38 -6.86
CA GLN A 163 8.93 -3.79 -7.06
C GLN A 163 8.00 -4.00 -5.87
N LEU A 164 6.70 -4.18 -6.14
CA LEU A 164 5.73 -4.35 -5.06
C LEU A 164 5.95 -5.62 -4.26
N ARG A 165 5.68 -5.54 -2.96
CA ARG A 165 5.78 -6.70 -2.11
C ARG A 165 4.51 -7.49 -2.43
N ASP A 166 4.52 -8.79 -2.20
CA ASP A 166 3.33 -9.60 -2.51
C ASP A 166 2.05 -9.05 -1.89
N TYR A 167 2.09 -8.60 -0.63
CA TYR A 167 0.88 -8.08 0.02
C TYR A 167 0.42 -6.77 -0.63
N GLN A 168 1.36 -5.97 -1.13
CA GLN A 168 1.01 -4.71 -1.77
C GLN A 168 0.33 -4.99 -3.09
N ARG A 169 0.80 -6.00 -3.82
CA ARG A 169 0.19 -6.38 -5.09
C ARG A 169 -1.25 -6.86 -4.82
N ASP A 170 -1.42 -7.66 -3.78
CA ASP A 170 -2.74 -8.19 -3.43
C ASP A 170 -3.68 -7.08 -2.97
N MET A 171 -3.15 -6.16 -2.18
CA MET A 171 -3.95 -5.06 -1.66
C MET A 171 -4.40 -4.13 -2.77
N LEU A 172 -3.51 -3.84 -3.72
CA LEU A 172 -3.84 -2.97 -4.84
C LEU A 172 -4.96 -3.58 -5.66
N LYS A 173 -4.85 -4.88 -5.93
CA LYS A 173 -5.85 -5.57 -6.71
C LYS A 173 -7.22 -5.60 -6.05
N ILE A 174 -7.25 -5.79 -4.74
CA ILE A 174 -8.51 -5.82 -4.03
C ILE A 174 -9.15 -4.44 -3.95
N MET A 175 -8.35 -3.42 -3.63
CA MET A 175 -8.90 -2.07 -3.54
C MET A 175 -9.50 -1.63 -4.87
N SER A 176 -8.89 -2.08 -5.96
CA SER A 176 -9.36 -1.70 -7.28
C SER A 176 -10.58 -2.50 -7.75
N SER A 177 -10.62 -3.79 -7.42
CA SER A 177 -11.74 -4.63 -7.86
C SER A 177 -13.00 -4.62 -6.99
N LYS A 178 -12.86 -4.30 -5.71
CA LYS A 178 -14.00 -4.28 -4.81
C LYS A 178 -14.46 -2.86 -4.58
N ARG A 179 -15.78 -2.65 -4.42
CA ARG A 179 -16.27 -1.29 -4.19
C ARG A 179 -15.86 -0.77 -2.82
N MET A 180 -15.92 -1.65 -1.83
CA MET A 180 -15.57 -1.28 -0.46
C MET A 180 -14.60 -2.29 0.15
N THR A 181 -13.52 -1.79 0.71
CA THR A 181 -12.53 -2.67 1.29
C THR A 181 -12.09 -2.17 2.66
N VAL A 182 -11.85 -3.10 3.58
CA VAL A 182 -11.38 -2.72 4.91
C VAL A 182 -10.12 -3.54 5.16
N CYS A 183 -9.00 -2.86 5.46
CA CYS A 183 -7.72 -3.53 5.69
C CYS A 183 -7.24 -3.47 7.13
N ASN A 184 -6.97 -4.63 7.69
CA ASN A 184 -6.47 -4.75 9.06
C ASN A 184 -5.01 -5.08 8.85
N LEU A 185 -4.15 -4.10 9.07
CA LEU A 185 -2.72 -4.28 8.84
C LEU A 185 -1.88 -4.11 10.09
N SER A 186 -0.64 -4.60 10.02
CA SER A 186 0.28 -4.44 11.13
C SER A 186 1.10 -3.19 10.80
N ARG A 187 1.96 -2.77 11.72
CA ARG A 187 2.73 -1.55 11.49
C ARG A 187 3.99 -1.71 10.65
N GLN A 188 4.41 -0.58 10.08
CA GLN A 188 5.61 -0.51 9.26
C GLN A 188 5.72 -1.55 8.16
N LEU A 189 4.70 -1.60 7.30
CA LEU A 189 4.67 -2.54 6.18
C LEU A 189 4.88 -1.83 4.85
N GLY A 190 4.87 -0.50 4.90
CA GLY A 190 5.04 0.29 3.68
C GLY A 190 3.69 0.49 3.00
N LYS A 191 2.61 0.48 3.77
CA LYS A 191 1.29 0.62 3.18
C LYS A 191 0.97 1.99 2.59
N THR A 192 1.62 3.04 3.06
CA THR A 192 1.35 4.36 2.51
C THR A 192 1.74 4.41 1.05
N THR A 193 2.78 3.68 0.70
CA THR A 193 3.27 3.63 -0.66
C THR A 193 2.20 3.08 -1.60
N VAL A 194 1.55 1.99 -1.17
CA VAL A 194 0.50 1.40 -1.99
C VAL A 194 -0.74 2.28 -2.04
N VAL A 195 -1.12 2.89 -0.91
CA VAL A 195 -2.29 3.76 -0.92
C VAL A 195 -2.08 4.92 -1.90
N ALA A 196 -0.90 5.51 -1.88
CA ALA A 196 -0.56 6.64 -2.76
C ALA A 196 -0.73 6.24 -4.22
N ILE A 197 -0.16 5.09 -4.58
CA ILE A 197 -0.23 4.59 -5.95
C ILE A 197 -1.67 4.34 -6.36
N PHE A 198 -2.45 3.79 -5.43
CA PHE A 198 -3.85 3.49 -5.70
C PHE A 198 -4.64 4.77 -5.98
N LEU A 199 -4.45 5.78 -5.15
CA LEU A 199 -5.17 7.03 -5.34
C LEU A 199 -4.68 7.75 -6.60
N ALA A 200 -3.38 7.68 -6.86
CA ALA A 200 -2.83 8.32 -8.06
C ALA A 200 -3.47 7.66 -9.28
N HIS A 201 -3.53 6.33 -9.25
CA HIS A 201 -4.13 5.60 -10.35
C HIS A 201 -5.60 5.94 -10.53
N PHE A 202 -6.35 5.98 -9.42
CA PHE A 202 -7.78 6.28 -9.49
C PHE A 202 -8.09 7.61 -10.17
N VAL A 203 -7.44 8.68 -9.74
CA VAL A 203 -7.71 9.99 -10.32
C VAL A 203 -7.10 10.21 -11.70
N CYS A 204 -6.08 9.42 -12.05
CA CYS A 204 -5.46 9.57 -13.35
C CYS A 204 -6.18 8.80 -14.47
N PHE A 205 -6.89 7.74 -14.12
CA PHE A 205 -7.56 6.96 -15.15
C PHE A 205 -9.08 6.92 -15.07
N ASN A 206 -9.65 7.85 -14.30
CA ASN A 206 -11.10 7.97 -14.15
C ASN A 206 -11.45 9.45 -14.23
N LYS A 207 -12.56 9.77 -14.88
CA LYS A 207 -12.96 11.17 -15.01
C LYS A 207 -14.05 11.58 -14.04
N ASP A 208 -14.00 12.84 -13.63
CA ASP A 208 -14.97 13.43 -12.72
C ASP A 208 -15.16 12.71 -11.39
N LYS A 209 -14.08 12.20 -10.84
CA LYS A 209 -14.15 11.49 -9.57
C LYS A 209 -13.53 12.32 -8.44
N ALA A 210 -14.36 12.68 -7.46
CA ALA A 210 -13.89 13.45 -6.31
C ALA A 210 -13.53 12.48 -5.19
N VAL A 211 -12.26 12.52 -4.76
CA VAL A 211 -11.77 11.66 -3.70
C VAL A 211 -11.56 12.44 -2.40
N GLY A 212 -12.03 11.87 -1.30
CA GLY A 212 -11.85 12.51 -0.01
C GLY A 212 -10.99 11.66 0.90
N ILE A 213 -9.94 12.25 1.46
CA ILE A 213 -9.06 11.53 2.38
C ILE A 213 -9.41 12.01 3.79
N LEU A 214 -9.80 11.09 4.67
CA LEU A 214 -10.17 11.42 6.04
C LEU A 214 -9.23 10.76 7.06
N ALA A 215 -8.87 11.52 8.08
CA ALA A 215 -8.00 11.03 9.14
C ALA A 215 -8.34 11.74 10.44
N HIS A 216 -7.73 11.29 11.55
CA HIS A 216 -8.01 11.92 12.82
C HIS A 216 -7.66 13.40 12.72
N LYS A 217 -6.44 13.69 12.27
CA LYS A 217 -6.00 15.06 12.11
C LYS A 217 -5.88 15.43 10.63
N GLY A 218 -6.23 16.68 10.31
CA GLY A 218 -6.15 17.13 8.94
C GLY A 218 -4.73 17.02 8.41
N SER A 219 -3.76 17.17 9.29
CA SER A 219 -2.36 17.08 8.90
C SER A 219 -2.03 15.68 8.40
N MET A 220 -2.65 14.67 8.98
CA MET A 220 -2.42 13.29 8.57
C MET A 220 -2.92 13.08 7.14
N SER A 221 -4.08 13.63 6.83
CA SER A 221 -4.64 13.48 5.49
C SER A 221 -3.77 14.24 4.48
N ALA A 222 -3.24 15.39 4.88
CA ALA A 222 -2.41 16.17 3.98
C ALA A 222 -1.16 15.38 3.59
N GLU A 223 -0.70 14.53 4.50
CA GLU A 223 0.49 13.71 4.27
C GLU A 223 0.18 12.64 3.23
N VAL A 224 -1.00 12.03 3.33
CA VAL A 224 -1.39 11.01 2.36
C VAL A 224 -1.51 11.69 1.00
N LEU A 225 -2.12 12.89 0.98
CA LEU A 225 -2.28 13.63 -0.26
C LEU A 225 -0.91 13.98 -0.86
N ASP A 226 0.03 14.37 0.01
CA ASP A 226 1.35 14.72 -0.47
C ASP A 226 2.05 13.52 -1.11
N ARG A 227 1.90 12.33 -0.54
CA ARG A 227 2.52 11.14 -1.10
C ARG A 227 1.89 10.82 -2.45
N THR A 228 0.59 11.06 -2.58
CA THR A 228 -0.11 10.81 -3.83
C THR A 228 0.34 11.83 -4.88
N LYS A 229 0.60 13.06 -4.45
CA LYS A 229 1.05 14.10 -5.38
C LYS A 229 2.45 13.77 -5.93
N GLN A 230 3.28 13.17 -5.09
CA GLN A 230 4.61 12.78 -5.50
C GLN A 230 4.57 11.74 -6.60
N ALA A 231 3.65 10.78 -6.48
CA ALA A 231 3.53 9.73 -7.48
C ALA A 231 3.09 10.29 -8.83
N ILE A 232 2.12 11.20 -8.80
CA ILE A 232 1.63 11.82 -10.02
C ILE A 232 2.74 12.66 -10.68
N GLU A 233 3.56 13.32 -9.87
CA GLU A 233 4.63 14.16 -10.40
C GLU A 233 5.67 13.41 -11.22
N LEU A 234 5.93 12.15 -10.86
CA LEU A 234 6.93 11.35 -11.55
C LEU A 234 6.45 10.71 -12.84
N LEU A 235 5.14 10.74 -13.07
CA LEU A 235 4.54 10.13 -14.26
C LEU A 235 4.94 10.78 -15.58
N PRO A 236 5.10 9.97 -16.64
CA PRO A 236 5.46 10.51 -17.95
C PRO A 236 4.29 11.33 -18.50
N ASP A 237 4.58 12.25 -19.41
CA ASP A 237 3.54 13.11 -19.98
C ASP A 237 2.25 12.41 -20.43
N PHE A 238 2.36 11.29 -21.13
CA PHE A 238 1.16 10.61 -21.64
C PHE A 238 0.24 9.98 -20.59
N LEU A 239 0.76 9.73 -19.38
CA LEU A 239 -0.05 9.15 -18.32
C LEU A 239 -0.50 10.21 -17.32
N GLN A 240 0.26 11.29 -17.24
CA GLN A 240 -0.05 12.35 -16.30
C GLN A 240 -1.13 13.30 -16.81
N PRO A 241 -2.21 13.49 -16.03
CA PRO A 241 -3.26 14.39 -16.47
C PRO A 241 -2.77 15.83 -16.34
N GLY A 242 -3.41 16.75 -17.06
CA GLY A 242 -3.02 18.15 -16.94
C GLY A 242 -3.42 18.62 -15.56
N ILE A 243 -2.60 19.46 -14.94
CA ILE A 243 -2.90 19.95 -13.61
C ILE A 243 -3.73 21.22 -13.66
N VAL A 244 -4.81 21.23 -12.89
CA VAL A 244 -5.70 22.39 -12.82
C VAL A 244 -5.49 23.13 -11.50
N GLU A 245 -5.38 22.38 -10.42
CA GLU A 245 -5.17 22.95 -9.09
C GLU A 245 -4.12 22.08 -8.38
N TRP A 246 -3.27 22.71 -7.58
CA TRP A 246 -2.24 21.98 -6.86
C TRP A 246 -1.96 22.67 -5.53
N ASN A 247 -2.73 22.30 -4.51
CA ASN A 247 -2.60 22.87 -3.17
C ASN A 247 -2.14 21.83 -2.16
N LYS A 248 -1.88 22.27 -0.92
CA LYS A 248 -1.46 21.36 0.12
C LYS A 248 -2.68 20.63 0.67
N GLY A 249 -3.85 21.19 0.44
CA GLY A 249 -5.08 20.57 0.92
C GLY A 249 -5.89 19.87 -0.16
N SER A 250 -5.53 20.09 -1.43
CA SER A 250 -6.27 19.45 -2.52
C SER A 250 -5.65 19.65 -3.89
N ILE A 251 -6.10 18.84 -4.84
CA ILE A 251 -5.63 18.92 -6.21
C ILE A 251 -6.80 18.66 -7.15
N GLU A 252 -6.69 19.15 -8.39
CA GLU A 252 -7.72 18.96 -9.41
C GLU A 252 -7.00 18.74 -10.73
N LEU A 253 -7.47 17.77 -11.50
CA LEU A 253 -6.85 17.43 -12.77
C LEU A 253 -7.75 17.81 -13.95
N ASP A 254 -7.19 17.83 -15.15
CA ASP A 254 -7.95 18.22 -16.32
C ASP A 254 -9.07 17.26 -16.69
N ASN A 255 -9.06 16.06 -16.12
CA ASN A 255 -10.11 15.08 -16.40
C ASN A 255 -11.28 15.24 -15.44
N GLY A 256 -11.22 16.30 -14.64
CA GLY A 256 -12.28 16.59 -13.69
C GLY A 256 -12.19 15.88 -12.34
N SER A 257 -11.20 15.02 -12.15
CA SER A 257 -11.05 14.32 -10.88
C SER A 257 -10.25 15.18 -9.89
N SER A 258 -10.44 14.91 -8.61
CA SER A 258 -9.76 15.69 -7.57
C SER A 258 -9.58 14.87 -6.31
N ILE A 259 -8.79 15.40 -5.39
CA ILE A 259 -8.56 14.77 -4.10
C ILE A 259 -8.48 15.90 -3.08
N GLY A 260 -9.13 15.69 -1.94
CA GLY A 260 -9.11 16.67 -0.88
C GLY A 260 -8.77 15.99 0.43
N ALA A 261 -8.02 16.67 1.29
CA ALA A 261 -7.62 16.13 2.58
C ALA A 261 -8.45 16.77 3.68
N TYR A 262 -9.05 15.96 4.54
CA TYR A 262 -9.89 16.49 5.63
C TYR A 262 -9.70 15.76 6.95
N ALA A 263 -10.20 16.38 8.01
CA ALA A 263 -10.18 15.80 9.34
C ALA A 263 -11.52 15.08 9.40
N SER A 264 -11.51 13.82 9.85
CA SER A 264 -12.74 13.05 9.93
C SER A 264 -13.81 13.68 10.81
N SER A 265 -15.01 13.80 10.26
CA SER A 265 -16.16 14.38 10.96
C SER A 265 -17.38 14.24 10.08
N PRO A 266 -18.58 14.24 10.67
CA PRO A 266 -19.79 14.11 9.85
C PRO A 266 -19.89 15.25 8.85
N ASP A 267 -19.49 16.45 9.27
CA ASP A 267 -19.54 17.61 8.39
C ASP A 267 -18.69 17.42 7.14
N ALA A 268 -17.51 16.83 7.30
CA ALA A 268 -16.63 16.60 6.17
C ALA A 268 -17.25 15.62 5.18
N VAL A 269 -18.00 14.66 5.70
CA VAL A 269 -18.67 13.67 4.85
C VAL A 269 -19.87 14.29 4.14
N ARG A 270 -20.73 14.95 4.90
CA ARG A 270 -21.93 15.58 4.34
C ARG A 270 -21.61 16.76 3.42
N GLY A 271 -20.48 17.43 3.66
CA GLY A 271 -20.10 18.60 2.88
C GLY A 271 -19.54 18.44 1.49
N ASN A 272 -19.49 17.21 0.97
CA ASN A 272 -18.98 16.98 -0.38
C ASN A 272 -19.62 15.73 -0.94
N SER A 273 -19.65 15.58 -2.27
CA SER A 273 -20.23 14.40 -2.89
C SER A 273 -19.10 13.55 -3.47
N PHE A 274 -18.50 12.72 -2.62
CA PHE A 274 -17.37 11.89 -3.00
C PHE A 274 -17.69 10.62 -3.80
N ALA A 275 -16.81 10.31 -4.74
CA ALA A 275 -16.92 9.10 -5.55
C ALA A 275 -16.11 8.06 -4.78
N MET A 276 -15.22 8.53 -3.92
CA MET A 276 -14.40 7.64 -3.10
C MET A 276 -13.94 8.29 -1.80
N ILE A 277 -14.07 7.57 -0.70
CA ILE A 277 -13.61 8.08 0.59
C ILE A 277 -12.55 7.11 1.10
N TYR A 278 -11.39 7.63 1.45
CA TYR A 278 -10.33 6.82 1.99
C TYR A 278 -10.15 7.26 3.44
N ILE A 279 -10.20 6.31 4.37
CA ILE A 279 -10.03 6.64 5.78
C ILE A 279 -8.74 6.03 6.30
N GLU A 280 -7.91 6.89 6.88
CA GLU A 280 -6.61 6.48 7.38
C GLU A 280 -6.58 6.24 8.88
N ASP A 281 -5.96 5.13 9.29
CA ASP A 281 -5.81 4.76 10.70
C ASP A 281 -7.13 4.87 11.47
N CYS A 282 -8.17 4.28 10.87
CA CYS A 282 -9.52 4.26 11.40
C CYS A 282 -9.70 3.91 12.88
N ALA A 283 -9.04 2.84 13.34
CA ALA A 283 -9.17 2.41 14.72
C ALA A 283 -8.65 3.40 15.75
N PHE A 284 -7.88 4.40 15.30
CA PHE A 284 -7.35 5.38 16.23
C PHE A 284 -8.00 6.76 16.11
N ILE A 285 -9.17 6.79 15.47
CA ILE A 285 -9.91 8.04 15.32
C ILE A 285 -10.97 8.13 16.43
N PRO A 286 -10.81 9.07 17.37
CA PRO A 286 -11.75 9.27 18.47
C PRO A 286 -13.16 9.59 17.99
N ASN A 287 -14.15 8.97 18.62
CA ASN A 287 -15.56 9.21 18.28
C ASN A 287 -15.85 9.00 16.80
N PHE A 288 -15.20 8.00 16.20
CA PHE A 288 -15.41 7.73 14.78
C PHE A 288 -16.85 7.34 14.47
N HIS A 289 -17.56 6.81 15.47
CA HIS A 289 -18.95 6.38 15.28
C HIS A 289 -19.85 7.35 14.55
N ASP A 290 -19.74 8.64 14.87
CA ASP A 290 -20.57 9.62 14.20
C ASP A 290 -20.17 9.80 12.75
N SER A 291 -18.89 9.64 12.45
CA SER A 291 -18.40 9.74 11.08
C SER A 291 -18.91 8.51 10.34
N TRP A 292 -18.83 7.36 11.00
CA TRP A 292 -19.29 6.10 10.41
C TRP A 292 -20.77 6.20 10.07
N LEU A 293 -21.54 6.77 10.98
CA LEU A 293 -22.97 6.94 10.75
C LEU A 293 -23.20 7.77 9.50
N ALA A 294 -22.50 8.90 9.41
CA ALA A 294 -22.64 9.80 8.27
C ALA A 294 -22.22 9.17 6.95
N ILE A 295 -21.37 8.16 6.99
CA ILE A 295 -20.89 7.48 5.80
C ILE A 295 -21.90 6.46 5.25
N GLN A 296 -22.84 6.04 6.08
CA GLN A 296 -23.83 5.07 5.62
C GLN A 296 -24.63 5.52 4.41
N PRO A 297 -25.01 6.81 4.34
CA PRO A 297 -25.77 7.24 3.17
C PRO A 297 -24.87 7.26 1.94
N VAL A 298 -23.57 7.50 2.16
CA VAL A 298 -22.61 7.53 1.07
C VAL A 298 -22.47 6.12 0.49
N ILE A 299 -22.44 5.14 1.37
CA ILE A 299 -22.34 3.74 0.97
C ILE A 299 -23.57 3.30 0.19
N SER A 300 -24.74 3.64 0.70
CA SER A 300 -26.00 3.24 0.06
C SER A 300 -26.49 4.13 -1.09
N SER A 301 -25.75 5.18 -1.39
CA SER A 301 -26.11 6.08 -2.48
C SER A 301 -26.15 5.37 -3.82
N GLY A 302 -27.02 5.84 -4.71
CA GLY A 302 -27.12 5.22 -6.01
C GLY A 302 -25.92 5.46 -6.90
N ARG A 303 -25.00 6.32 -6.46
CA ARG A 303 -23.82 6.64 -7.26
C ARG A 303 -22.72 5.58 -7.11
N ARG A 304 -22.93 4.64 -6.20
CA ARG A 304 -21.99 3.54 -5.99
C ARG A 304 -20.57 3.99 -5.61
N SER A 305 -20.46 4.83 -4.60
CA SER A 305 -19.18 5.33 -4.14
C SER A 305 -18.30 4.25 -3.52
N LYS A 306 -16.98 4.40 -3.68
CA LYS A 306 -16.01 3.47 -3.13
C LYS A 306 -15.57 3.93 -1.74
N ILE A 307 -15.32 2.98 -0.86
CA ILE A 307 -14.87 3.26 0.51
C ILE A 307 -13.69 2.35 0.82
N ILE A 308 -12.57 2.95 1.20
CA ILE A 308 -11.39 2.16 1.54
C ILE A 308 -10.94 2.56 2.94
N ILE A 309 -10.79 1.57 3.82
CA ILE A 309 -10.34 1.82 5.18
C ILE A 309 -9.09 1.01 5.47
N THR A 310 -8.08 1.66 6.06
CA THR A 310 -6.86 0.95 6.44
C THR A 310 -6.53 1.36 7.87
N THR A 311 -5.96 0.45 8.65
CA THR A 311 -5.60 0.76 10.01
C THR A 311 -4.96 -0.45 10.68
N THR A 312 -4.36 -0.21 11.84
CA THR A 312 -3.79 -1.29 12.64
C THR A 312 -4.84 -1.33 13.75
N PRO A 313 -5.04 -2.49 14.40
CA PRO A 313 -6.03 -2.65 15.49
C PRO A 313 -5.82 -1.79 16.72
N ASN A 314 -6.94 -1.50 17.41
CA ASN A 314 -6.91 -0.71 18.63
C ASN A 314 -7.96 -1.25 19.60
N GLY A 315 -7.90 -2.55 19.89
CA GLY A 315 -8.84 -3.15 20.81
C GLY A 315 -10.22 -3.38 20.21
N LEU A 316 -11.20 -3.64 21.07
CA LEU A 316 -12.56 -3.92 20.64
C LEU A 316 -13.44 -2.69 20.46
N ASN A 317 -12.94 -1.68 19.76
CA ASN A 317 -13.71 -0.47 19.55
C ASN A 317 -14.51 -0.50 18.24
N HIS A 318 -14.84 0.68 17.72
CA HIS A 318 -15.61 0.77 16.49
C HIS A 318 -15.04 -0.04 15.32
N PHE A 319 -13.73 0.00 15.14
CA PHE A 319 -13.11 -0.72 14.02
C PHE A 319 -13.29 -2.23 14.14
N TYR A 320 -13.24 -2.75 15.36
CA TYR A 320 -13.42 -4.17 15.57
C TYR A 320 -14.78 -4.60 15.04
N ASP A 321 -15.80 -3.77 15.26
CA ASP A 321 -17.14 -4.08 14.79
C ASP A 321 -17.24 -4.07 13.28
N ILE A 322 -16.57 -3.10 12.66
CA ILE A 322 -16.55 -2.95 11.21
C ILE A 322 -15.84 -4.17 10.60
N TRP A 323 -14.69 -4.51 11.18
CA TRP A 323 -13.91 -5.65 10.71
C TRP A 323 -14.69 -6.97 10.82
N THR A 324 -15.26 -7.21 12.00
CA THR A 324 -16.01 -8.44 12.24
C THR A 324 -17.17 -8.62 11.26
N ALA A 325 -17.90 -7.55 10.99
CA ALA A 325 -19.03 -7.61 10.06
C ALA A 325 -18.52 -8.02 8.67
N ALA A 326 -17.39 -7.44 8.26
CA ALA A 326 -16.80 -7.74 6.96
C ALA A 326 -16.34 -9.19 6.87
N VAL A 327 -15.63 -9.66 7.89
CA VAL A 327 -15.13 -11.02 7.91
C VAL A 327 -16.28 -12.03 7.92
N GLU A 328 -17.35 -11.73 8.65
CA GLU A 328 -18.50 -12.62 8.73
C GLU A 328 -19.45 -12.49 7.54
N GLY A 329 -19.14 -11.56 6.64
CA GLY A 329 -19.98 -11.36 5.47
C GLY A 329 -21.31 -10.70 5.75
N LYS A 330 -21.36 -9.88 6.79
CA LYS A 330 -22.59 -9.18 7.17
C LYS A 330 -22.60 -7.73 6.67
N SER A 331 -21.64 -7.38 5.82
CA SER A 331 -21.60 -6.04 5.27
C SER A 331 -21.11 -6.13 3.83
N GLY A 332 -21.09 -5.00 3.13
CA GLY A 332 -20.65 -5.00 1.76
C GLY A 332 -19.15 -4.88 1.62
N PHE A 333 -18.45 -4.79 2.75
CA PHE A 333 -16.99 -4.64 2.72
C PHE A 333 -16.24 -5.94 2.54
N GLU A 334 -15.18 -5.88 1.75
CA GLU A 334 -14.30 -7.03 1.52
C GLU A 334 -13.12 -6.85 2.48
N PRO A 335 -12.89 -7.84 3.36
CA PRO A 335 -11.77 -7.72 4.30
C PRO A 335 -10.43 -8.13 3.70
N TYR A 336 -9.37 -7.47 4.17
CA TYR A 336 -8.04 -7.78 3.71
C TYR A 336 -7.10 -7.62 4.90
N THR A 337 -6.13 -8.52 5.04
CA THR A 337 -5.18 -8.42 6.13
C THR A 337 -3.77 -8.84 5.74
N ALA A 338 -2.79 -8.21 6.37
CA ALA A 338 -1.39 -8.51 6.14
C ALA A 338 -0.69 -8.20 7.46
N ILE A 339 0.22 -9.07 7.90
CA ILE A 339 0.93 -8.86 9.15
C ILE A 339 2.46 -8.78 9.00
N TRP A 340 3.18 -8.81 10.11
CA TRP A 340 4.63 -8.62 10.10
C TRP A 340 5.46 -9.42 9.11
N ASN A 341 5.07 -10.66 8.83
CA ASN A 341 5.86 -11.49 7.91
C ASN A 341 5.72 -11.12 6.42
N SER A 342 4.96 -10.06 6.15
CA SER A 342 4.76 -9.55 4.78
C SER A 342 5.99 -8.79 4.30
N VAL A 343 6.84 -8.37 5.24
CA VAL A 343 8.08 -7.65 4.91
C VAL A 343 9.15 -8.73 4.96
N LYS A 344 9.54 -9.21 3.78
CA LYS A 344 10.47 -10.33 3.68
C LYS A 344 11.89 -10.14 4.19
N GLU A 345 12.35 -8.89 4.31
CA GLU A 345 13.69 -8.65 4.83
C GLU A 345 13.74 -9.13 6.27
N ARG A 346 12.57 -9.16 6.92
CA ARG A 346 12.48 -9.61 8.31
C ARG A 346 12.73 -11.11 8.43
N LEU A 347 12.68 -11.83 7.31
CA LEU A 347 12.87 -13.28 7.37
C LEU A 347 14.33 -13.72 7.33
N TYR A 348 15.24 -12.75 7.38
CA TYR A 348 16.68 -13.03 7.37
C TYR A 348 17.25 -12.49 8.67
N ASN A 349 18.11 -13.27 9.33
CA ASN A 349 18.68 -12.83 10.60
C ASN A 349 19.87 -11.89 10.47
N ASP A 350 20.46 -11.57 11.61
CA ASP A 350 21.61 -10.66 11.70
C ASP A 350 22.84 -11.14 10.96
N GLU A 351 22.87 -12.43 10.63
CA GLU A 351 24.01 -12.98 9.90
C GLU A 351 23.63 -13.16 8.43
N ASP A 352 22.55 -12.50 8.03
CA ASP A 352 22.05 -12.55 6.66
C ASP A 352 21.68 -13.95 6.17
N ILE A 353 21.16 -14.77 7.08
CA ILE A 353 20.73 -16.12 6.76
C ILE A 353 19.22 -16.23 6.97
N PHE A 354 18.54 -16.92 6.05
CA PHE A 354 17.09 -17.07 6.16
C PHE A 354 16.71 -17.85 7.41
N ASP A 355 15.80 -17.30 8.22
CA ASP A 355 15.33 -17.99 9.41
C ASP A 355 13.82 -17.86 9.58
N ASP A 356 13.15 -17.45 8.49
CA ASP A 356 11.71 -17.28 8.44
C ASP A 356 11.19 -16.30 9.47
N GLY A 357 12.06 -15.39 9.93
CA GLY A 357 11.66 -14.38 10.89
C GLY A 357 11.79 -14.78 12.35
N TRP A 358 12.44 -15.90 12.61
CA TRP A 358 12.62 -16.38 13.98
C TRP A 358 13.29 -15.33 14.85
N GLN A 359 14.47 -14.88 14.44
CA GLN A 359 15.19 -13.87 15.21
C GLN A 359 14.52 -12.50 15.25
N TRP A 360 14.01 -12.01 14.11
CA TRP A 360 13.41 -10.69 14.11
C TRP A 360 12.23 -10.61 15.08
N SER A 361 11.37 -11.64 15.07
CA SER A 361 10.22 -11.65 15.96
C SER A 361 10.62 -11.78 17.43
N ILE A 362 11.62 -12.60 17.71
CA ILE A 362 12.09 -12.75 19.09
C ILE A 362 12.63 -11.42 19.61
N GLN A 363 13.44 -10.73 18.81
CA GLN A 363 13.99 -9.45 19.25
C GLN A 363 12.92 -8.36 19.43
N THR A 364 11.93 -8.36 18.53
CA THR A 364 10.86 -7.38 18.59
C THR A 364 9.98 -7.60 19.83
N ILE A 365 9.68 -8.86 20.12
CA ILE A 365 8.88 -9.20 21.30
C ILE A 365 9.68 -8.89 22.57
N ASN A 366 10.93 -9.32 22.61
CA ASN A 366 11.77 -9.07 23.78
C ASN A 366 11.96 -7.57 24.05
N GLY A 367 12.00 -6.79 22.98
CA GLY A 367 12.17 -5.35 23.11
C GLY A 367 10.89 -4.63 23.47
N SER A 368 9.77 -5.35 23.45
CA SER A 368 8.48 -4.76 23.82
C SER A 368 7.77 -5.76 24.71
N SER A 369 6.76 -6.45 24.19
CA SER A 369 6.04 -7.47 24.96
C SER A 369 5.17 -8.27 24.02
N LEU A 370 4.70 -9.44 24.47
CA LEU A 370 3.84 -10.24 23.61
C LEU A 370 2.56 -9.50 23.27
N ALA A 371 1.99 -8.84 24.26
CA ALA A 371 0.76 -8.08 24.03
C ALA A 371 0.95 -7.01 22.96
N GLN A 372 2.03 -6.23 23.09
CA GLN A 372 2.32 -5.19 22.10
C GLN A 372 2.59 -5.79 20.72
N PHE A 373 3.32 -6.90 20.68
CA PHE A 373 3.62 -7.55 19.41
C PHE A 373 2.33 -8.06 18.76
N ARG A 374 1.47 -8.69 19.56
CA ARG A 374 0.24 -9.23 19.01
C ARG A 374 -0.60 -8.14 18.36
N GLN A 375 -0.75 -7.01 19.04
CA GLN A 375 -1.55 -5.91 18.53
C GLN A 375 -0.89 -5.17 17.37
N GLU A 376 0.38 -4.83 17.54
CA GLU A 376 1.13 -4.05 16.56
C GLU A 376 1.66 -4.82 15.35
N HIS A 377 1.97 -6.10 15.52
CA HIS A 377 2.53 -6.87 14.42
C HIS A 377 1.74 -8.06 13.92
N THR A 378 0.74 -8.52 14.68
CA THR A 378 -0.05 -9.66 14.22
C THR A 378 -1.50 -9.26 13.98
N ALA A 379 -1.77 -7.95 14.10
CA ALA A 379 -3.10 -7.37 13.89
C ALA A 379 -4.20 -7.99 14.75
N ALA A 380 -3.86 -8.36 15.98
CA ALA A 380 -4.81 -8.94 16.91
C ALA A 380 -5.53 -7.83 17.65
N PHE A 381 -6.73 -8.13 18.15
CA PHE A 381 -7.51 -7.13 18.89
C PHE A 381 -7.32 -7.30 20.39
N GLU A 382 -6.61 -6.35 21.00
CA GLU A 382 -6.33 -6.38 22.44
C GLU A 382 -7.56 -6.86 23.19
N GLY A 383 -8.71 -6.30 22.84
CA GLY A 383 -9.95 -6.71 23.47
C GLY A 383 -10.11 -8.18 23.12
N THR A 384 -9.60 -9.04 24.00
CA THR A 384 -9.66 -10.48 23.79
C THR A 384 -11.04 -10.96 23.38
N SER A 385 -11.08 -12.08 22.67
CA SER A 385 -12.32 -12.67 22.18
C SER A 385 -13.55 -12.22 22.96
#